data_9BRO
#
_entry.id   9BRO
#
_cell.length_a   139.397
_cell.length_b   139.397
_cell.length_c   71.720
_cell.angle_alpha   90.000
_cell.angle_beta   90.000
_cell.angle_gamma   90.000
#
_symmetry.space_group_name_H-M   'P 41 21 2'
#
loop_
_entity.id
_entity.type
_entity.pdbx_description
1 polymer 'G protein-coupled receptor kinase 5'
2 non-polymer (3Z)-3-[(4-{[(2S)-1-methoxypropan-2-yl]carbamoyl}-3,5-dimethyl-1H-pyrrol-2-yl)methylidene]-2-oxo-N-[(1R)-1-phenylethyl]-3,7-dihydro-2H-indole-5-carboxamide
3 water water
#
_entity_poly.entity_id   1
_entity_poly.type   'polypeptide(L)'
_entity_poly.pdbx_seq_one_letter_code
;MELENIVANTVLLKAREGGGGKRKGKSKKWKEILKFPHISQCEDLRRTIDRDYCSLCDKQPIGRLLFRQFCETRPGLECY
IQFLDSVAEYEVTPDEKLGEKGKEIMTKYLTPKSPVFIAQVGQDLVSQTEEKLLQKPCKELFSACAQSVHEYLRGEPFHE
YLDSMFFDRFLQWKWLERQPVTKNTFRQYRVLGKGGFGEVCACQVRATGKMYACKRLEKKRIKKRKGESMALNEKQILEK
VNSQFVVNLAYAYETKDALCLVLTIMNGGDLKFHIYNMGNPGFEEERALFYAAEILCGLEDLHRENTVYRNLKPENILLD
DYGHIRISDLGLAVKIPEGDLIRGRVGTVGYMAPEVLNNQRYGLSPDYWGLGCLIYEMIEGQSPFRGRKEKVKREEVDRR
VLETEEVYSHKFSEEAKSICKMLLTKDAKQRLGCQEEGAAEVKRHPFFRNMNFKRLEAGMLDPPFVPDPRAVYCKDVLDI
EQFSTVKGVNLDHTDDDFYSKFSTGSVSIPWQNEMIETECFKELNVFGPNGTLPPDLNRNHPPEPPKKGLLQRLFKRQHQ
NNSKSSPSSKTSFNHHINSNHVSSNSTGSSVDHHHHHH
;
_entity_poly.pdbx_strand_id   A
#
# COMPACT_ATOMS: atom_id res chain seq x y z
N GLY A 25 8.21 -3.76 24.20
CA GLY A 25 8.88 -4.90 23.61
C GLY A 25 10.20 -4.56 22.95
N LYS A 26 10.63 -3.31 23.08
CA LYS A 26 11.89 -2.89 22.48
C LYS A 26 13.07 -3.46 23.25
N SER A 27 14.20 -3.59 22.56
CA SER A 27 15.38 -4.18 23.17
C SER A 27 15.95 -3.25 24.25
N LYS A 28 16.67 -3.87 25.20
CA LYS A 28 17.20 -3.13 26.34
C LYS A 28 17.95 -1.88 25.91
N LYS A 29 18.76 -1.99 24.86
CA LYS A 29 19.71 -0.95 24.48
C LYS A 29 19.27 -0.18 23.24
N TRP A 30 17.97 -0.18 22.92
CA TRP A 30 17.53 0.35 21.63
C TRP A 30 17.98 1.78 21.41
N LYS A 31 18.03 2.59 22.47
CA LYS A 31 18.46 3.98 22.32
C LYS A 31 19.92 4.07 21.88
N GLU A 32 20.72 3.03 22.13
CA GLU A 32 22.10 3.02 21.66
C GLU A 32 22.20 2.63 20.20
N ILE A 33 21.35 1.70 19.75
CA ILE A 33 21.37 1.27 18.35
C ILE A 33 20.95 2.42 17.44
N LEU A 34 19.76 2.98 17.69
CA LEU A 34 19.27 4.09 16.90
C LEU A 34 19.82 5.45 17.35
N LYS A 35 20.93 5.46 18.08
CA LYS A 35 21.56 6.72 18.45
C LYS A 35 21.98 7.47 17.19
N PHE A 36 21.59 8.74 17.10
CA PHE A 36 21.91 9.52 15.91
C PHE A 36 23.42 9.57 15.72
N PRO A 37 23.91 9.50 14.48
CA PRO A 37 25.33 9.82 14.22
C PRO A 37 25.55 11.32 14.24
N HIS A 38 26.80 11.71 14.44
CA HIS A 38 27.14 13.12 14.37
C HIS A 38 26.97 13.60 12.93
N ILE A 39 26.40 14.81 12.79
CA ILE A 39 26.01 15.34 11.48
C ILE A 39 27.19 15.30 10.51
N SER A 40 28.42 15.28 11.03
CA SER A 40 29.59 15.24 10.16
C SER A 40 29.71 13.91 9.42
N GLN A 41 29.03 12.86 9.91
CA GLN A 41 29.07 11.57 9.21
C GLN A 41 28.21 11.57 7.96
N CYS A 42 27.31 12.55 7.81
CA CYS A 42 26.28 12.52 6.78
C CYS A 42 26.64 13.35 5.55
N GLU A 43 27.88 13.83 5.44
CA GLU A 43 28.22 14.71 4.33
C GLU A 43 28.04 14.00 2.99
N ASP A 44 28.39 12.71 2.92
CA ASP A 44 28.19 11.99 1.68
C ASP A 44 26.71 11.84 1.35
N LEU A 45 25.87 11.59 2.36
CA LEU A 45 24.43 11.61 2.16
C LEU A 45 23.98 12.97 1.62
N ARG A 46 24.43 14.04 2.27
CA ARG A 46 24.03 15.38 1.84
C ARG A 46 24.34 15.61 0.37
N ARG A 47 25.46 15.07 -0.10
CA ARG A 47 25.95 15.35 -1.45
C ARG A 47 25.22 14.54 -2.52
N THR A 48 24.56 13.45 -2.16
CA THR A 48 23.97 12.55 -3.14
C THR A 48 22.45 12.53 -3.14
N ILE A 49 21.79 12.81 -2.01
CA ILE A 49 20.34 12.79 -1.96
C ILE A 49 19.78 13.79 -2.96
N ASP A 50 18.83 13.34 -3.78
CA ASP A 50 18.14 14.26 -4.67
C ASP A 50 17.21 15.17 -3.86
N ARG A 51 17.20 16.45 -4.21
CA ARG A 51 16.44 17.45 -3.45
C ARG A 51 15.13 17.76 -4.16
N ASP A 52 14.24 16.77 -4.12
CA ASP A 52 12.92 16.86 -4.73
C ASP A 52 11.89 17.14 -3.64
N TYR A 53 11.03 18.13 -3.88
CA TYR A 53 10.06 18.54 -2.87
C TYR A 53 9.10 17.40 -2.54
N CYS A 54 8.45 16.83 -3.55
CA CYS A 54 7.47 15.79 -3.30
C CYS A 54 8.07 14.63 -2.51
N SER A 55 9.30 14.24 -2.85
CA SER A 55 9.92 13.11 -2.17
C SER A 55 10.26 13.47 -0.73
N LEU A 56 11.09 14.50 -0.53
CA LEU A 56 11.59 14.79 0.80
C LEU A 56 10.47 15.22 1.75
N CYS A 57 9.54 16.05 1.30
CA CYS A 57 8.59 16.71 2.17
C CYS A 57 7.19 16.09 2.16
N ASP A 58 7.00 14.95 1.50
CA ASP A 58 5.67 14.37 1.43
C ASP A 58 5.69 12.84 1.35
N LYS A 59 6.35 12.29 0.33
CA LYS A 59 6.33 10.85 0.15
C LYS A 59 7.08 10.13 1.26
N GLN A 60 8.28 10.60 1.59
CA GLN A 60 9.04 9.97 2.67
C GLN A 60 8.42 10.35 4.01
N PRO A 61 7.89 9.38 4.78
CA PRO A 61 7.13 9.74 5.98
C PRO A 61 7.86 10.65 6.95
N ILE A 62 9.14 10.36 7.24
CA ILE A 62 9.85 11.13 8.25
C ILE A 62 10.25 12.49 7.71
N GLY A 63 10.62 12.56 6.44
CA GLY A 63 10.92 13.85 5.85
C GLY A 63 9.75 14.80 5.93
N ARG A 64 8.55 14.31 5.62
CA ARG A 64 7.36 15.14 5.67
C ARG A 64 7.13 15.69 7.07
N LEU A 65 7.33 14.85 8.10
CA LEU A 65 7.15 15.32 9.47
C LEU A 65 8.19 16.38 9.82
N LEU A 66 9.42 16.21 9.36
CA LEU A 66 10.47 17.18 9.68
C LEU A 66 10.22 18.50 8.96
N PHE A 67 9.74 18.45 7.72
CA PHE A 67 9.42 19.70 7.03
C PHE A 67 8.27 20.43 7.69
N ARG A 68 7.21 19.70 8.04
CA ARG A 68 6.10 20.32 8.75
C ARG A 68 6.54 20.87 10.09
N GLN A 69 7.49 20.20 10.76
CA GLN A 69 8.03 20.72 12.00
C GLN A 69 8.83 22.00 11.77
N PHE A 70 9.48 22.12 10.60
CA PHE A 70 10.20 23.35 10.27
C PHE A 70 9.23 24.52 10.11
N CYS A 71 8.07 24.28 9.47
CA CYS A 71 7.09 25.35 9.29
C CYS A 71 6.49 25.82 10.59
N GLU A 72 6.58 25.03 11.67
CA GLU A 72 6.08 25.48 12.96
C GLU A 72 6.94 26.57 13.57
N THR A 73 8.18 26.72 13.12
CA THR A 73 9.02 27.80 13.64
C THR A 73 8.70 29.12 12.96
N ARG A 74 8.36 29.09 11.67
CA ARG A 74 8.01 30.29 10.94
C ARG A 74 6.56 30.67 11.20
N PRO A 75 6.28 31.85 11.76
CA PRO A 75 4.87 32.22 11.98
C PRO A 75 4.07 32.27 10.69
N GLY A 76 4.69 32.74 9.60
CA GLY A 76 3.97 32.91 8.35
C GLY A 76 3.64 31.61 7.63
N LEU A 77 4.37 30.54 7.91
CA LEU A 77 4.16 29.27 7.23
C LEU A 77 3.19 28.35 7.98
N GLU A 78 2.93 28.62 9.26
CA GLU A 78 2.02 27.78 10.03
C GLU A 78 0.67 27.65 9.35
N CYS A 79 0.13 28.77 8.86
CA CYS A 79 -1.22 28.77 8.31
C CYS A 79 -1.34 27.86 7.10
N TYR A 80 -0.27 27.73 6.31
CA TYR A 80 -0.36 26.92 5.10
C TYR A 80 -0.47 25.43 5.43
N ILE A 81 0.18 24.98 6.51
CA ILE A 81 0.07 23.58 6.89
C ILE A 81 -1.31 23.30 7.48
N GLN A 82 -1.77 24.18 8.37
CA GLN A 82 -3.11 24.02 8.93
C GLN A 82 -4.16 24.00 7.84
N PHE A 83 -3.97 24.81 6.79
CA PHE A 83 -4.94 24.84 5.69
C PHE A 83 -4.97 23.50 4.96
N LEU A 84 -3.80 22.99 4.56
CA LEU A 84 -3.78 21.73 3.84
C LEU A 84 -4.36 20.59 4.68
N ASP A 85 -4.15 20.62 5.99
CA ASP A 85 -4.78 19.62 6.86
C ASP A 85 -6.30 19.71 6.76
N SER A 86 -6.85 20.90 6.90
CA SER A 86 -8.30 21.05 6.85
C SER A 86 -8.86 20.66 5.50
N VAL A 87 -8.06 20.81 4.43
CA VAL A 87 -8.50 20.34 3.12
C VAL A 87 -8.51 18.83 3.08
N ALA A 88 -7.52 18.19 3.70
CA ALA A 88 -7.51 16.74 3.77
C ALA A 88 -8.74 16.21 4.52
N GLU A 89 -9.17 16.94 5.54
CA GLU A 89 -10.39 16.54 6.26
C GLU A 89 -11.64 16.77 5.42
N TYR A 90 -11.61 17.77 4.53
CA TYR A 90 -12.79 18.07 3.72
C TYR A 90 -13.01 17.02 2.64
N GLU A 91 -11.94 16.63 1.94
CA GLU A 91 -12.05 15.63 0.88
C GLU A 91 -12.79 14.39 1.35
N VAL A 92 -12.67 14.05 2.63
CA VAL A 92 -13.18 12.79 3.15
C VAL A 92 -14.51 12.93 3.87
N THR A 93 -14.94 14.15 4.20
CA THR A 93 -16.23 14.34 4.83
C THR A 93 -17.32 13.76 3.94
N PRO A 94 -18.39 13.20 4.52
CA PRO A 94 -19.50 12.72 3.69
C PRO A 94 -20.36 13.85 3.16
N ASP A 95 -21.01 13.57 2.03
CA ASP A 95 -21.62 14.64 1.23
C ASP A 95 -22.63 15.45 2.03
N GLU A 96 -23.29 14.84 3.00
CA GLU A 96 -24.29 15.54 3.79
C GLU A 96 -23.69 16.46 4.85
N LYS A 97 -22.39 16.75 4.76
CA LYS A 97 -21.78 17.70 5.69
C LYS A 97 -20.69 18.54 5.03
N LEU A 98 -20.64 18.59 3.69
CA LEU A 98 -19.64 19.41 3.01
C LEU A 98 -19.99 20.89 3.05
N GLY A 99 -21.28 21.22 3.09
CA GLY A 99 -21.67 22.63 3.15
C GLY A 99 -21.07 23.35 4.34
N GLU A 100 -21.28 22.79 5.54
CA GLU A 100 -20.77 23.44 6.74
C GLU A 100 -19.25 23.39 6.81
N LYS A 101 -18.64 22.28 6.36
CA LYS A 101 -17.19 22.19 6.35
C LYS A 101 -16.60 23.16 5.36
N GLY A 102 -17.14 23.20 4.14
CA GLY A 102 -16.68 24.18 3.17
C GLY A 102 -16.75 25.61 3.70
N LYS A 103 -17.79 25.90 4.48
CA LYS A 103 -17.90 27.23 5.07
C LYS A 103 -16.85 27.47 6.14
N GLU A 104 -16.60 26.46 6.98
CA GLU A 104 -15.63 26.63 8.07
C GLU A 104 -14.25 26.98 7.53
N ILE A 105 -13.82 26.33 6.45
CA ILE A 105 -12.50 26.60 5.91
C ILE A 105 -12.44 28.02 5.33
N MET A 106 -13.54 28.46 4.72
CA MET A 106 -13.58 29.80 4.13
C MET A 106 -13.36 30.87 5.19
N THR A 107 -14.19 30.87 6.23
CA THR A 107 -14.14 31.93 7.23
C THR A 107 -12.92 31.85 8.14
N LYS A 108 -12.05 30.85 7.95
CA LYS A 108 -10.85 30.73 8.77
C LYS A 108 -9.55 30.91 7.99
N TYR A 109 -9.53 30.59 6.70
CA TYR A 109 -8.32 30.66 5.91
C TYR A 109 -8.40 31.60 4.71
N LEU A 110 -9.56 31.70 4.06
CA LEU A 110 -9.66 32.42 2.80
C LEU A 110 -10.30 33.80 2.92
N THR A 111 -10.68 34.23 4.15
CA THR A 111 -11.13 35.61 4.28
C THR A 111 -9.93 36.54 4.49
N PRO A 112 -10.01 37.78 4.00
CA PRO A 112 -8.84 38.67 4.04
C PRO A 112 -8.15 38.74 5.39
N LYS A 113 -8.84 39.28 6.41
CA LYS A 113 -8.27 39.48 7.73
C LYS A 113 -8.49 38.29 8.65
N SER A 114 -8.37 37.07 8.13
CA SER A 114 -8.57 35.87 8.93
C SER A 114 -7.43 35.73 9.95
N PRO A 115 -7.66 34.95 11.02
CA PRO A 115 -6.56 34.69 11.96
C PRO A 115 -5.36 34.05 11.31
N VAL A 116 -5.58 33.14 10.36
CA VAL A 116 -4.51 32.41 9.70
C VAL A 116 -4.70 32.50 8.20
N PHE A 117 -4.74 33.72 7.67
CA PHE A 117 -5.04 33.93 6.26
C PHE A 117 -3.89 33.48 5.38
N ILE A 118 -4.22 32.72 4.33
CA ILE A 118 -3.26 32.33 3.30
C ILE A 118 -3.26 33.38 2.21
N ALA A 119 -2.08 33.85 1.82
CA ALA A 119 -1.94 34.94 0.86
C ALA A 119 -1.52 34.48 -0.52
N GLN A 120 -0.61 33.50 -0.62
CA GLN A 120 -0.14 33.03 -1.92
C GLN A 120 -1.24 32.35 -2.73
N VAL A 121 -2.38 32.05 -2.12
CA VAL A 121 -3.50 31.49 -2.87
C VAL A 121 -3.95 32.49 -3.95
N GLY A 122 -3.94 33.77 -3.63
CA GLY A 122 -4.37 34.80 -4.56
C GLY A 122 -5.79 35.25 -4.33
N GLN A 123 -6.01 36.56 -4.27
CA GLN A 123 -7.35 37.07 -4.03
C GLN A 123 -8.31 36.66 -5.14
N ASP A 124 -7.79 36.42 -6.34
CA ASP A 124 -8.65 35.98 -7.44
C ASP A 124 -9.07 34.52 -7.29
N LEU A 125 -8.20 33.68 -6.72
CA LEU A 125 -8.55 32.27 -6.54
C LEU A 125 -9.55 32.06 -5.40
N VAL A 126 -9.42 32.85 -4.33
CA VAL A 126 -10.38 32.77 -3.24
C VAL A 126 -11.72 33.36 -3.68
N SER A 127 -11.70 34.49 -4.39
CA SER A 127 -12.94 35.06 -4.92
C SER A 127 -13.60 34.12 -5.91
N GLN A 128 -12.82 33.23 -6.54
CA GLN A 128 -13.40 32.25 -7.47
C GLN A 128 -14.03 31.08 -6.72
N THR A 129 -13.38 30.60 -5.66
CA THR A 129 -13.96 29.54 -4.84
C THR A 129 -15.00 30.06 -3.85
N GLU A 130 -14.91 31.34 -3.46
CA GLU A 130 -15.90 31.90 -2.56
C GLU A 130 -17.31 31.78 -3.15
N GLU A 131 -17.45 32.03 -4.44
CA GLU A 131 -18.73 31.88 -5.11
C GLU A 131 -18.94 30.48 -5.66
N LYS A 132 -17.96 29.59 -5.56
CA LYS A 132 -18.16 28.19 -5.89
C LYS A 132 -18.86 27.44 -4.76
N LEU A 133 -18.85 28.01 -3.56
CA LEU A 133 -19.66 27.45 -2.48
C LEU A 133 -21.14 27.55 -2.79
N LEU A 134 -21.54 28.55 -3.58
CA LEU A 134 -22.96 28.75 -3.87
C LEU A 134 -23.56 27.56 -4.63
N GLN A 135 -22.71 26.72 -5.22
CA GLN A 135 -23.15 25.55 -5.97
C GLN A 135 -22.96 24.29 -5.12
N LYS A 136 -23.52 23.18 -5.60
CA LYS A 136 -23.43 21.90 -4.92
C LYS A 136 -21.98 21.62 -4.53
N PRO A 137 -21.67 21.50 -3.24
CA PRO A 137 -20.26 21.32 -2.84
C PRO A 137 -19.64 20.10 -3.49
N CYS A 138 -18.40 20.28 -3.95
CA CYS A 138 -17.62 19.19 -4.52
C CYS A 138 -16.66 18.66 -3.47
N LYS A 139 -16.47 17.34 -3.46
CA LYS A 139 -15.52 16.73 -2.53
C LYS A 139 -14.10 17.21 -2.79
N GLU A 140 -13.76 17.49 -4.05
CA GLU A 140 -12.46 18.03 -4.44
C GLU A 140 -12.53 19.52 -4.76
N LEU A 141 -13.24 20.30 -3.94
CA LEU A 141 -13.39 21.73 -4.20
C LEU A 141 -12.06 22.47 -4.11
N PHE A 142 -11.33 22.26 -3.01
CA PHE A 142 -10.10 22.99 -2.72
C PHE A 142 -8.88 22.41 -3.42
N SER A 143 -9.05 21.61 -4.47
CA SER A 143 -7.89 21.08 -5.19
C SER A 143 -7.07 22.22 -5.80
N ALA A 144 -7.73 23.19 -6.43
CA ALA A 144 -7.01 24.31 -7.02
C ALA A 144 -6.22 25.06 -5.96
N CYS A 145 -6.87 25.41 -4.84
CA CYS A 145 -6.19 26.16 -3.79
C CYS A 145 -5.00 25.37 -3.26
N ALA A 146 -5.23 24.12 -2.83
CA ALA A 146 -4.16 23.33 -2.24
C ALA A 146 -2.94 23.24 -3.16
N GLN A 147 -3.17 23.05 -4.46
CA GLN A 147 -2.05 23.01 -5.39
C GLN A 147 -1.31 24.33 -5.42
N SER A 148 -2.03 25.45 -5.35
CA SER A 148 -1.37 26.74 -5.28
C SER A 148 -0.52 26.85 -4.02
N VAL A 149 -0.94 26.19 -2.94
CA VAL A 149 -0.15 26.22 -1.70
C VAL A 149 1.14 25.44 -1.91
N HIS A 150 1.03 24.19 -2.35
CA HIS A 150 2.23 23.40 -2.63
C HIS A 150 3.17 24.15 -3.57
N GLU A 151 2.62 24.92 -4.52
CA GLU A 151 3.46 25.73 -5.39
C GLU A 151 4.34 26.65 -4.57
N TYR A 152 3.75 27.35 -3.58
CA TYR A 152 4.52 28.28 -2.78
C TYR A 152 5.57 27.57 -1.94
N LEU A 153 5.18 26.47 -1.27
CA LEU A 153 6.12 25.77 -0.41
C LEU A 153 7.27 25.17 -1.21
N ARG A 154 7.01 24.70 -2.42
CA ARG A 154 8.07 24.16 -3.26
C ARG A 154 9.21 25.17 -3.44
N GLY A 155 8.91 26.46 -3.36
CA GLY A 155 9.90 27.48 -3.60
C GLY A 155 10.72 27.82 -2.38
N GLU A 156 10.61 29.08 -1.92
CA GLU A 156 11.49 29.55 -0.85
C GLU A 156 11.36 28.72 0.42
N PRO A 157 10.18 28.45 0.95
CA PRO A 157 10.11 27.66 2.20
C PRO A 157 10.88 26.34 2.12
N PHE A 158 10.85 25.69 0.96
CA PHE A 158 11.54 24.40 0.83
C PHE A 158 13.05 24.57 0.84
N HIS A 159 13.56 25.61 0.17
CA HIS A 159 15.00 25.79 0.10
C HIS A 159 15.57 26.29 1.42
N GLU A 160 14.76 26.98 2.23
CA GLU A 160 15.20 27.35 3.58
C GLU A 160 15.31 26.11 4.46
N TYR A 161 14.28 25.26 4.43
CA TYR A 161 14.33 24.01 5.18
C TYR A 161 15.56 23.18 4.84
N LEU A 162 16.00 23.24 3.58
CA LEU A 162 17.19 22.49 3.20
C LEU A 162 18.43 22.99 3.93
N ASP A 163 18.49 24.28 4.23
CA ASP A 163 19.60 24.86 4.98
C ASP A 163 19.29 24.98 6.47
N SER A 164 18.28 24.27 6.95
CA SER A 164 17.88 24.32 8.34
C SER A 164 18.38 23.09 9.08
N MET A 165 18.29 23.14 10.41
CA MET A 165 18.74 22.02 11.22
C MET A 165 17.82 20.82 11.11
N PHE A 166 16.59 21.00 10.65
CA PHE A 166 15.68 19.87 10.50
C PHE A 166 16.11 18.95 9.37
N PHE A 167 16.67 19.52 8.30
CA PHE A 167 17.16 18.69 7.21
C PHE A 167 18.42 17.94 7.63
N ASP A 168 19.29 18.58 8.42
CA ASP A 168 20.41 17.87 9.00
C ASP A 168 19.94 16.68 9.83
N ARG A 169 18.84 16.86 10.56
CA ARG A 169 18.24 15.74 11.29
C ARG A 169 17.76 14.67 10.32
N PHE A 170 17.11 15.08 9.23
CA PHE A 170 16.65 14.11 8.23
C PHE A 170 17.80 13.26 7.72
N LEU A 171 18.95 13.87 7.45
CA LEU A 171 20.11 13.10 7.01
C LEU A 171 20.51 12.07 8.06
N GLN A 172 20.45 12.44 9.33
CA GLN A 172 20.74 11.46 10.39
C GLN A 172 19.79 10.27 10.31
N TRP A 173 18.51 10.53 10.05
CA TRP A 173 17.55 9.43 9.94
C TRP A 173 17.83 8.57 8.71
N LYS A 174 18.23 9.20 7.60
CA LYS A 174 18.60 8.43 6.42
C LYS A 174 19.83 7.57 6.69
N TRP A 175 20.78 8.10 7.46
CA TRP A 175 21.98 7.35 7.80
C TRP A 175 21.62 6.07 8.55
N LEU A 176 20.64 6.15 9.45
CA LEU A 176 20.19 4.95 10.16
C LEU A 176 19.43 4.02 9.21
N GLU A 177 18.50 4.57 8.42
CA GLU A 177 17.78 3.77 7.44
C GLU A 177 18.74 2.93 6.59
N ARG A 178 19.92 3.48 6.28
CA ARG A 178 20.85 2.83 5.37
C ARG A 178 21.74 1.79 6.04
N GLN A 179 21.73 1.71 7.37
CA GLN A 179 22.62 0.78 8.05
C GLN A 179 22.35 -0.65 7.61
N PRO A 180 23.34 -1.53 7.69
CA PRO A 180 23.14 -2.90 7.23
C PRO A 180 22.20 -3.66 8.15
N VAL A 181 21.46 -4.60 7.57
CA VAL A 181 20.53 -5.45 8.29
C VAL A 181 21.05 -6.89 8.22
N THR A 182 20.94 -7.61 9.32
CA THR A 182 21.49 -8.95 9.41
C THR A 182 20.50 -9.82 10.19
N LYS A 183 20.93 -11.07 10.46
CA LYS A 183 20.13 -11.95 11.29
C LYS A 183 19.94 -11.37 12.69
N ASN A 184 20.98 -10.72 13.22
CA ASN A 184 20.90 -10.13 14.56
C ASN A 184 19.83 -9.06 14.62
N THR A 185 19.62 -8.33 13.51
CA THR A 185 18.66 -7.23 13.52
C THR A 185 17.28 -7.68 13.98
N PHE A 186 16.94 -8.95 13.77
CA PHE A 186 15.61 -9.47 14.01
C PHE A 186 15.63 -10.49 15.14
N ARG A 187 14.51 -11.21 15.28
CA ARG A 187 14.28 -12.10 16.41
C ARG A 187 13.12 -13.02 16.07
N GLN A 188 13.43 -14.22 15.58
CA GLN A 188 12.40 -15.09 15.00
C GLN A 188 11.58 -15.75 16.11
N TYR A 189 10.28 -15.46 16.13
CA TYR A 189 9.36 -16.16 17.00
C TYR A 189 8.80 -17.38 16.27
N ARG A 190 7.92 -18.12 16.95
CA ARG A 190 7.39 -19.38 16.45
C ARG A 190 6.77 -19.20 15.06
N VAL A 191 6.58 -20.31 14.35
CA VAL A 191 6.18 -20.23 12.95
C VAL A 191 4.88 -19.45 12.78
N LEU A 192 4.71 -18.86 11.57
CA LEU A 192 3.51 -18.12 11.19
C LEU A 192 3.07 -18.58 9.79
N GLY A 193 2.65 -19.84 9.68
CA GLY A 193 2.39 -20.45 8.40
C GLY A 193 3.63 -21.09 7.82
N LYS A 194 3.43 -21.86 6.75
CA LYS A 194 4.52 -22.60 6.15
C LYS A 194 4.28 -22.74 4.64
N GLY A 195 5.34 -23.12 3.94
CA GLY A 195 5.26 -23.41 2.52
C GLY A 195 6.25 -24.49 2.18
N GLY A 196 5.92 -25.27 1.14
CA GLY A 196 6.76 -26.39 0.77
C GLY A 196 8.18 -25.96 0.42
N PHE A 197 8.31 -25.01 -0.50
CA PHE A 197 9.60 -24.54 -0.97
C PHE A 197 10.12 -23.33 -0.21
N GLY A 198 9.42 -22.91 0.85
CA GLY A 198 9.85 -21.77 1.63
C GLY A 198 9.09 -21.61 2.92
N GLU A 199 9.80 -21.59 4.05
CA GLU A 199 9.15 -21.42 5.35
C GLU A 199 8.64 -20.00 5.51
N VAL A 200 7.75 -19.82 6.49
CA VAL A 200 7.24 -18.51 6.87
C VAL A 200 7.41 -18.39 8.38
N CYS A 201 8.32 -17.52 8.80
CA CYS A 201 8.63 -17.32 10.21
C CYS A 201 7.87 -16.10 10.74
N ALA A 202 8.31 -15.57 11.87
CA ALA A 202 7.68 -14.42 12.51
C ALA A 202 8.55 -13.18 12.52
N CYS A 203 9.86 -13.34 12.76
CA CYS A 203 10.83 -12.24 12.75
C CYS A 203 10.30 -10.94 13.33
N GLN A 204 10.82 -10.55 14.49
CA GLN A 204 10.52 -9.27 15.10
C GLN A 204 11.81 -8.46 15.23
N VAL A 205 11.72 -7.17 14.93
CA VAL A 205 12.88 -6.29 15.08
C VAL A 205 13.15 -6.07 16.56
N ARG A 206 14.36 -6.44 17.00
CA ARG A 206 14.69 -6.34 18.42
C ARG A 206 14.59 -4.90 18.91
N ALA A 207 15.05 -3.94 18.12
CA ALA A 207 15.20 -2.58 18.61
C ALA A 207 13.87 -1.85 18.72
N THR A 208 12.94 -2.12 17.81
CA THR A 208 11.67 -1.39 17.77
C THR A 208 10.49 -2.19 18.31
N GLY A 209 10.59 -3.52 18.33
CA GLY A 209 9.47 -4.33 18.75
C GLY A 209 8.38 -4.50 17.72
N LYS A 210 8.63 -4.14 16.48
CA LYS A 210 7.62 -4.25 15.42
C LYS A 210 7.56 -5.67 14.88
N MET A 211 6.36 -6.18 14.71
CA MET A 211 6.14 -7.53 14.20
C MET A 211 6.06 -7.53 12.68
N TYR A 212 6.51 -8.61 12.08
CA TYR A 212 6.48 -8.80 10.64
C TYR A 212 6.21 -10.28 10.35
N ALA A 213 6.23 -10.63 9.07
CA ALA A 213 6.18 -12.01 8.62
C ALA A 213 7.37 -12.24 7.70
N CYS A 214 8.13 -13.30 7.97
CA CYS A 214 9.30 -13.63 7.17
C CYS A 214 8.93 -14.66 6.11
N LYS A 215 9.47 -14.48 4.91
CA LYS A 215 9.31 -15.43 3.81
C LYS A 215 10.68 -15.98 3.48
N ARG A 216 11.13 -16.93 4.31
CA ARG A 216 12.44 -17.55 4.15
C ARG A 216 12.45 -18.46 2.92
N LEU A 217 13.33 -18.14 1.97
CA LEU A 217 13.52 -18.95 0.76
C LEU A 217 14.95 -19.48 0.79
N GLU A 218 15.09 -20.77 1.07
CA GLU A 218 16.44 -21.32 1.24
C GLU A 218 17.15 -21.40 -0.12
N LYS A 219 18.47 -21.28 -0.07
CA LYS A 219 19.25 -21.14 -1.29
C LYS A 219 19.40 -22.46 -2.04
N LYS A 220 19.49 -23.58 -1.31
CA LYS A 220 19.74 -24.86 -1.97
C LYS A 220 18.62 -25.21 -2.92
N ARG A 221 17.37 -24.98 -2.52
CA ARG A 221 16.24 -25.33 -3.38
C ARG A 221 16.22 -24.48 -4.64
N ILE A 222 16.38 -23.16 -4.49
CA ILE A 222 16.25 -22.27 -5.64
C ILE A 222 17.44 -22.41 -6.57
N LYS A 223 18.64 -22.70 -6.04
CA LYS A 223 19.80 -22.85 -6.89
C LYS A 223 19.60 -23.98 -7.90
N LYS A 224 19.26 -25.17 -7.41
CA LYS A 224 19.11 -26.31 -8.31
C LYS A 224 17.84 -26.20 -9.14
N ARG A 225 16.78 -25.60 -8.59
CA ARG A 225 15.56 -25.38 -9.37
C ARG A 225 15.71 -24.30 -10.42
N LYS A 226 16.76 -23.48 -10.34
CA LYS A 226 17.03 -22.46 -11.34
C LYS A 226 15.84 -21.50 -11.48
N GLY A 227 15.55 -20.80 -10.39
CA GLY A 227 14.47 -19.83 -10.37
C GLY A 227 14.91 -18.50 -9.79
N GLU A 228 16.23 -18.35 -9.60
CA GLU A 228 16.81 -17.13 -9.05
C GLU A 228 16.18 -15.86 -9.63
N SER A 229 15.85 -15.89 -10.93
CA SER A 229 15.26 -14.72 -11.55
C SER A 229 13.83 -14.49 -11.07
N MET A 230 13.10 -15.57 -10.74
CA MET A 230 11.73 -15.42 -10.28
C MET A 230 11.66 -15.03 -8.81
N ALA A 231 12.69 -15.37 -8.02
CA ALA A 231 12.75 -14.89 -6.65
C ALA A 231 13.12 -13.42 -6.59
N LEU A 232 13.92 -12.94 -7.55
CA LEU A 232 14.23 -11.52 -7.62
C LEU A 232 13.03 -10.73 -8.15
N ASN A 233 12.37 -11.24 -9.19
CA ASN A 233 11.20 -10.56 -9.73
C ASN A 233 10.15 -10.34 -8.65
N GLU A 234 9.95 -11.31 -7.76
CA GLU A 234 8.97 -11.16 -6.69
C GLU A 234 9.45 -10.15 -5.66
N LYS A 235 10.72 -10.23 -5.26
CA LYS A 235 11.24 -9.28 -4.27
C LYS A 235 11.15 -7.84 -4.79
N GLN A 236 11.42 -7.64 -6.08
CA GLN A 236 11.42 -6.29 -6.63
C GLN A 236 10.00 -5.76 -6.83
N ILE A 237 9.07 -6.63 -7.23
CA ILE A 237 7.68 -6.22 -7.34
C ILE A 237 7.14 -5.81 -5.97
N LEU A 238 7.45 -6.59 -4.93
CA LEU A 238 7.04 -6.24 -3.59
C LEU A 238 7.66 -4.94 -3.12
N GLU A 239 8.88 -4.65 -3.57
CA GLU A 239 9.60 -3.47 -3.08
C GLU A 239 9.01 -2.18 -3.64
N LYS A 240 8.56 -2.21 -4.90
CA LYS A 240 8.16 -0.97 -5.56
C LYS A 240 6.73 -0.58 -5.20
N VAL A 241 5.83 -1.54 -5.10
CA VAL A 241 4.44 -1.24 -4.77
C VAL A 241 4.34 -0.89 -3.30
N ASN A 242 3.64 0.20 -2.99
CA ASN A 242 3.39 0.63 -1.62
C ASN A 242 1.89 0.92 -1.53
N SER A 243 1.13 -0.08 -1.11
CA SER A 243 -0.32 0.00 -1.08
C SER A 243 -0.83 -0.44 0.29
N GLN A 244 -1.95 0.16 0.69
CA GLN A 244 -2.63 -0.28 1.92
C GLN A 244 -3.28 -1.64 1.77
N PHE A 245 -3.34 -2.19 0.55
CA PHE A 245 -4.11 -3.39 0.28
C PHE A 245 -3.28 -4.49 -0.38
N VAL A 246 -1.96 -4.35 -0.39
CA VAL A 246 -1.04 -5.41 -0.82
C VAL A 246 0.05 -5.51 0.23
N VAL A 247 0.50 -6.74 0.51
CA VAL A 247 1.57 -6.93 1.48
C VAL A 247 2.80 -6.18 0.99
N ASN A 248 3.43 -5.45 1.90
CA ASN A 248 4.58 -4.60 1.57
C ASN A 248 5.87 -5.24 2.06
N LEU A 249 6.94 -4.99 1.30
CA LEU A 249 8.27 -5.42 1.68
C LEU A 249 8.93 -4.35 2.56
N ALA A 250 9.50 -4.78 3.67
CA ALA A 250 10.18 -3.89 4.61
C ALA A 250 11.67 -4.14 4.71
N TYR A 251 12.11 -5.40 4.61
CA TYR A 251 13.52 -5.73 4.66
C TYR A 251 13.79 -6.88 3.69
N ALA A 252 15.04 -6.96 3.24
CA ALA A 252 15.48 -8.07 2.41
C ALA A 252 16.95 -8.33 2.74
N TYR A 253 17.21 -9.41 3.47
CA TYR A 253 18.57 -9.77 3.84
C TYR A 253 18.83 -11.23 3.45
N GLU A 254 20.11 -11.60 3.52
CA GLU A 254 20.55 -12.96 3.30
C GLU A 254 21.18 -13.49 4.57
N THR A 255 20.85 -14.73 4.93
CA THR A 255 21.40 -15.37 6.12
C THR A 255 22.32 -16.52 5.69
N LYS A 256 22.91 -17.16 6.69
CA LYS A 256 23.89 -18.21 6.46
C LYS A 256 23.32 -19.43 5.74
N ASP A 257 22.01 -19.45 5.49
CA ASP A 257 21.39 -20.61 4.85
C ASP A 257 20.21 -20.27 3.94
N ALA A 258 19.81 -19.01 3.84
CA ALA A 258 18.65 -18.65 3.03
C ALA A 258 18.68 -17.16 2.73
N LEU A 259 17.78 -16.74 1.84
CA LEU A 259 17.50 -15.34 1.58
C LEU A 259 16.10 -15.02 2.08
N CYS A 260 15.98 -14.01 2.94
CA CYS A 260 14.75 -13.73 3.65
C CYS A 260 14.03 -12.52 3.08
N LEU A 261 12.72 -12.49 3.33
CA LEU A 261 11.85 -11.41 2.88
C LEU A 261 10.92 -11.06 4.04
N VAL A 262 11.07 -9.87 4.60
CA VAL A 262 10.29 -9.43 5.75
C VAL A 262 9.10 -8.63 5.24
N LEU A 263 7.90 -9.18 5.38
CA LEU A 263 6.69 -8.60 4.82
C LEU A 263 5.71 -8.24 5.92
N THR A 264 4.63 -7.57 5.53
CA THR A 264 3.54 -7.27 6.44
C THR A 264 2.99 -8.56 7.04
N ILE A 265 2.61 -8.48 8.32
CA ILE A 265 2.05 -9.63 9.02
C ILE A 265 0.53 -9.47 9.04
N MET A 266 -0.17 -10.57 8.76
CA MET A 266 -1.63 -10.64 8.82
C MET A 266 -2.01 -11.78 9.75
N ASN A 267 -2.62 -11.45 10.88
CA ASN A 267 -3.05 -12.43 11.87
C ASN A 267 -4.57 -12.51 11.93
N GLY A 268 -5.23 -12.47 10.77
CA GLY A 268 -6.67 -12.43 10.73
C GLY A 268 -7.32 -13.50 9.86
N GLY A 269 -6.51 -14.38 9.28
CA GLY A 269 -7.02 -15.43 8.42
C GLY A 269 -7.18 -14.99 6.96
N ASP A 270 -7.52 -15.94 6.12
CA ASP A 270 -7.73 -15.70 4.70
C ASP A 270 -9.21 -15.74 4.37
N LEU A 271 -9.55 -15.16 3.21
CA LEU A 271 -10.95 -14.98 2.84
C LEU A 271 -11.65 -16.31 2.59
N LYS A 272 -10.92 -17.32 2.12
CA LYS A 272 -11.54 -18.62 1.89
C LYS A 272 -12.09 -19.18 3.20
N PHE A 273 -11.30 -19.11 4.27
CA PHE A 273 -11.75 -19.62 5.56
C PHE A 273 -13.01 -18.90 6.03
N HIS A 274 -13.11 -17.60 5.75
CA HIS A 274 -14.27 -16.84 6.19
C HIS A 274 -15.47 -17.02 5.28
N ILE A 275 -15.27 -17.47 4.05
CA ILE A 275 -16.40 -17.72 3.16
C ILE A 275 -17.04 -19.06 3.46
N TYR A 276 -16.24 -20.09 3.73
CA TYR A 276 -16.75 -21.45 3.83
C TYR A 276 -16.86 -21.96 5.25
N ASN A 277 -15.95 -21.58 6.14
CA ASN A 277 -15.97 -22.07 7.52
C ASN A 277 -16.66 -21.11 8.47
N MET A 278 -16.40 -19.80 8.34
CA MET A 278 -16.92 -18.83 9.31
C MET A 278 -18.36 -18.44 8.96
N GLY A 279 -18.54 -17.70 7.88
CA GLY A 279 -19.87 -17.29 7.47
C GLY A 279 -20.64 -18.44 6.84
N ASN A 280 -21.87 -18.13 6.41
CA ASN A 280 -22.63 -19.10 5.64
C ASN A 280 -21.79 -19.44 4.42
N PRO A 281 -22.11 -20.48 3.68
CA PRO A 281 -21.49 -20.61 2.34
C PRO A 281 -21.73 -19.32 1.57
N GLY A 282 -20.95 -18.29 1.88
CA GLY A 282 -21.09 -16.98 1.28
C GLY A 282 -21.17 -15.88 2.31
N PHE A 283 -21.31 -14.65 1.82
CA PHE A 283 -21.47 -13.47 2.65
C PHE A 283 -22.72 -12.71 2.21
N GLU A 284 -23.15 -11.76 3.04
CA GLU A 284 -24.12 -10.79 2.59
C GLU A 284 -23.51 -9.93 1.50
N GLU A 285 -24.35 -9.49 0.56
CA GLU A 285 -23.85 -8.67 -0.54
C GLU A 285 -23.10 -7.44 -0.01
N GLU A 286 -23.69 -6.75 0.98
CA GLU A 286 -23.06 -5.55 1.51
C GLU A 286 -21.68 -5.85 2.09
N ARG A 287 -21.48 -7.06 2.64
CA ARG A 287 -20.18 -7.41 3.19
C ARG A 287 -19.19 -7.77 2.09
N ALA A 288 -19.66 -8.41 1.02
CA ALA A 288 -18.80 -8.65 -0.13
C ALA A 288 -18.43 -7.34 -0.81
N LEU A 289 -19.32 -6.34 -0.75
CA LEU A 289 -19.00 -5.02 -1.28
C LEU A 289 -17.72 -4.48 -0.66
N PHE A 290 -17.62 -4.53 0.67
CA PHE A 290 -16.46 -3.94 1.35
C PHE A 290 -15.17 -4.59 0.89
N TYR A 291 -15.13 -5.93 0.83
CA TYR A 291 -13.90 -6.61 0.46
C TYR A 291 -13.56 -6.38 -1.02
N ALA A 292 -14.57 -6.38 -1.89
CA ALA A 292 -14.31 -6.12 -3.30
C ALA A 292 -13.76 -4.71 -3.49
N ALA A 293 -14.26 -3.75 -2.72
CA ALA A 293 -13.77 -2.37 -2.84
C ALA A 293 -12.29 -2.29 -2.50
N GLU A 294 -11.86 -3.01 -1.46
CA GLU A 294 -10.45 -2.95 -1.07
C GLU A 294 -9.57 -3.73 -2.04
N ILE A 295 -10.06 -4.87 -2.54
CA ILE A 295 -9.28 -5.64 -3.51
C ILE A 295 -9.05 -4.82 -4.78
N LEU A 296 -10.09 -4.10 -5.21
CA LEU A 296 -9.95 -3.27 -6.41
C LEU A 296 -8.87 -2.22 -6.23
N CYS A 297 -8.88 -1.55 -5.08
CA CYS A 297 -7.82 -0.58 -4.80
C CYS A 297 -6.45 -1.27 -4.76
N GLY A 298 -6.38 -2.47 -4.21
CA GLY A 298 -5.13 -3.21 -4.22
C GLY A 298 -4.64 -3.48 -5.63
N LEU A 299 -5.53 -3.96 -6.50
CA LEU A 299 -5.16 -4.22 -7.88
C LEU A 299 -4.79 -2.94 -8.61
N GLU A 300 -5.44 -1.82 -8.27
CA GLU A 300 -5.15 -0.56 -8.92
C GLU A 300 -3.73 -0.11 -8.62
N ASP A 301 -3.28 -0.28 -7.38
CA ASP A 301 -1.92 0.12 -7.03
C ASP A 301 -0.88 -0.73 -7.75
N LEU A 302 -1.17 -2.02 -7.95
CA LEU A 302 -0.26 -2.86 -8.74
C LEU A 302 -0.26 -2.41 -10.20
N HIS A 303 -1.43 -2.07 -10.74
CA HIS A 303 -1.50 -1.66 -12.13
C HIS A 303 -0.86 -0.30 -12.38
N ARG A 304 -0.62 0.47 -11.32
CA ARG A 304 0.14 1.71 -11.49
C ARG A 304 1.57 1.42 -11.90
N GLU A 305 2.17 0.35 -11.34
CA GLU A 305 3.46 -0.16 -11.78
C GLU A 305 3.33 -1.09 -12.97
N ASN A 306 2.20 -1.05 -13.67
CA ASN A 306 1.93 -1.91 -14.83
C ASN A 306 2.32 -3.35 -14.54
N THR A 307 2.04 -3.79 -13.31
CA THR A 307 2.36 -5.14 -12.87
C THR A 307 1.06 -5.93 -12.71
N VAL A 308 1.04 -7.14 -13.26
CA VAL A 308 -0.14 -7.99 -13.24
C VAL A 308 0.06 -9.08 -12.21
N TYR A 309 -1.03 -9.47 -11.55
CA TYR A 309 -1.01 -10.38 -10.40
C TYR A 309 -1.20 -11.83 -10.82
N ARG A 310 -2.32 -12.15 -11.44
CA ARG A 310 -2.62 -13.44 -12.04
C ARG A 310 -2.79 -14.58 -11.03
N ASN A 311 -2.91 -14.28 -9.75
CA ASN A 311 -3.02 -15.30 -8.72
C ASN A 311 -4.16 -14.96 -7.78
N LEU A 312 -5.26 -14.43 -8.32
CA LEU A 312 -6.36 -13.92 -7.52
C LEU A 312 -7.30 -15.08 -7.16
N LYS A 313 -7.23 -15.51 -5.92
CA LYS A 313 -8.07 -16.57 -5.37
C LYS A 313 -8.37 -16.22 -3.92
N PRO A 314 -9.48 -16.73 -3.37
CA PRO A 314 -9.83 -16.37 -1.99
C PRO A 314 -8.74 -16.67 -0.98
N GLU A 315 -7.90 -17.68 -1.22
CA GLU A 315 -6.89 -18.06 -0.25
C GLU A 315 -5.81 -17.00 -0.08
N ASN A 316 -5.52 -16.24 -1.14
CA ASN A 316 -4.45 -15.25 -1.09
C ASN A 316 -4.92 -13.89 -0.61
N ILE A 317 -6.21 -13.72 -0.35
CA ILE A 317 -6.72 -12.50 0.29
C ILE A 317 -6.66 -12.70 1.79
N LEU A 318 -5.89 -11.86 2.48
CA LEU A 318 -5.64 -12.03 3.90
C LEU A 318 -6.25 -10.87 4.68
N LEU A 319 -6.70 -11.17 5.89
CA LEU A 319 -7.24 -10.17 6.80
C LEU A 319 -6.23 -9.89 7.92
N ASP A 320 -6.15 -8.63 8.34
CA ASP A 320 -5.23 -8.23 9.39
C ASP A 320 -5.96 -8.15 10.73
N ASP A 321 -5.30 -7.56 11.73
CA ASP A 321 -5.87 -7.50 13.06
C ASP A 321 -7.13 -6.65 13.12
N TYR A 322 -7.23 -5.63 12.27
CA TYR A 322 -8.35 -4.69 12.33
C TYR A 322 -9.54 -5.10 11.48
N GLY A 323 -9.37 -6.04 10.55
CA GLY A 323 -10.44 -6.49 9.69
C GLY A 323 -10.28 -6.11 8.24
N HIS A 324 -9.29 -5.30 7.89
CA HIS A 324 -9.04 -4.95 6.50
C HIS A 324 -8.27 -6.08 5.80
N ILE A 325 -8.19 -5.99 4.48
CA ILE A 325 -7.63 -7.06 3.67
C ILE A 325 -6.42 -6.55 2.90
N ARG A 326 -5.51 -7.47 2.59
CA ARG A 326 -4.39 -7.22 1.69
C ARG A 326 -4.23 -8.41 0.76
N ILE A 327 -3.69 -8.13 -0.43
CA ILE A 327 -3.37 -9.18 -1.39
C ILE A 327 -2.01 -9.75 -1.05
N SER A 328 -1.85 -11.07 -1.15
CA SER A 328 -0.63 -11.75 -0.80
C SER A 328 -0.19 -12.65 -1.94
N ASP A 329 0.92 -13.36 -1.73
CA ASP A 329 1.47 -14.31 -2.69
C ASP A 329 1.61 -13.67 -4.08
N LEU A 330 2.61 -12.79 -4.18
CA LEU A 330 2.97 -12.17 -5.44
C LEU A 330 4.02 -12.97 -6.20
N GLY A 331 4.15 -14.27 -5.90
CA GLY A 331 5.16 -15.08 -6.57
C GLY A 331 4.88 -15.31 -8.03
N LEU A 332 3.62 -15.25 -8.44
CA LEU A 332 3.23 -15.38 -9.84
C LEU A 332 3.03 -14.03 -10.51
N ALA A 333 3.45 -12.95 -9.86
CA ALA A 333 3.28 -11.61 -10.43
C ALA A 333 4.36 -11.34 -11.47
N VAL A 334 4.06 -10.42 -12.38
CA VAL A 334 4.96 -10.07 -13.47
C VAL A 334 4.75 -8.62 -13.83
N LYS A 335 5.85 -7.89 -14.02
CA LYS A 335 5.79 -6.48 -14.39
C LYS A 335 5.80 -6.37 -15.92
N ILE A 336 4.67 -5.98 -16.48
CA ILE A 336 4.56 -5.85 -17.94
C ILE A 336 5.22 -4.55 -18.36
N PRO A 337 6.10 -4.56 -19.37
CA PRO A 337 6.60 -3.29 -19.92
C PRO A 337 5.51 -2.58 -20.69
N GLU A 338 5.45 -1.26 -20.50
CA GLU A 338 4.34 -0.48 -21.05
C GLU A 338 4.28 -0.62 -22.57
N GLY A 339 3.09 -0.97 -23.08
CA GLY A 339 2.87 -1.12 -24.50
C GLY A 339 3.14 -2.50 -25.05
N ASP A 340 3.52 -3.46 -24.22
CA ASP A 340 3.84 -4.80 -24.65
C ASP A 340 2.97 -5.81 -23.91
N LEU A 341 2.87 -7.02 -24.46
CA LEU A 341 2.11 -8.10 -23.88
C LEU A 341 3.04 -9.25 -23.52
N ILE A 342 2.51 -10.18 -22.71
CA ILE A 342 3.25 -11.35 -22.25
C ILE A 342 2.41 -12.59 -22.52
N ARG A 343 3.07 -13.74 -22.46
CA ARG A 343 2.42 -15.04 -22.56
C ARG A 343 2.70 -15.84 -21.29
N GLY A 344 1.79 -16.75 -20.98
CA GLY A 344 1.94 -17.57 -19.80
C GLY A 344 0.65 -18.20 -19.32
N ARG A 345 0.61 -19.53 -19.34
CA ARG A 345 -0.56 -20.28 -18.86
C ARG A 345 -0.27 -20.70 -17.42
N VAL A 346 -0.41 -19.73 -16.52
CA VAL A 346 -0.11 -19.91 -15.11
C VAL A 346 -1.37 -19.61 -14.29
N GLY A 347 -1.31 -19.98 -13.02
CA GLY A 347 -2.40 -19.73 -12.08
C GLY A 347 -2.89 -21.01 -11.45
N THR A 348 -4.15 -20.98 -11.02
CA THR A 348 -4.78 -22.10 -10.33
C THR A 348 -6.01 -22.55 -11.10
N VAL A 349 -6.19 -23.86 -11.18
CA VAL A 349 -7.36 -24.43 -11.84
C VAL A 349 -8.61 -23.79 -11.25
N GLY A 350 -9.43 -23.20 -12.10
CA GLY A 350 -10.68 -22.59 -11.68
C GLY A 350 -10.65 -21.07 -11.58
N TYR A 351 -9.47 -20.47 -11.62
CA TYR A 351 -9.33 -19.02 -11.50
C TYR A 351 -8.43 -18.47 -12.60
N MET A 352 -8.41 -19.11 -13.76
CA MET A 352 -7.62 -18.67 -14.91
C MET A 352 -8.56 -18.14 -15.99
N ALA A 353 -8.26 -16.94 -16.48
CA ALA A 353 -9.10 -16.31 -17.48
C ALA A 353 -8.98 -17.05 -18.82
N PRO A 354 -10.00 -16.92 -19.68
CA PRO A 354 -9.95 -17.64 -20.97
C PRO A 354 -8.72 -17.29 -21.80
N GLU A 355 -8.23 -16.06 -21.75
CA GLU A 355 -7.05 -15.71 -22.54
C GLU A 355 -5.79 -16.36 -21.98
N VAL A 356 -5.76 -16.62 -20.68
CA VAL A 356 -4.63 -17.34 -20.10
C VAL A 356 -4.71 -18.83 -20.41
N LEU A 357 -5.92 -19.41 -20.31
CA LEU A 357 -6.09 -20.81 -20.63
C LEU A 357 -5.67 -21.10 -22.07
N ASN A 358 -5.97 -20.18 -22.98
CA ASN A 358 -5.63 -20.36 -24.39
C ASN A 358 -4.17 -20.00 -24.69
N ASN A 359 -3.40 -19.57 -23.69
CA ASN A 359 -1.99 -19.26 -23.87
C ASN A 359 -1.82 -18.13 -24.88
N GLN A 360 -2.73 -17.16 -24.84
CA GLN A 360 -2.65 -16.00 -25.70
C GLN A 360 -1.79 -14.92 -25.05
N ARG A 361 -1.58 -13.83 -25.78
CA ARG A 361 -0.90 -12.66 -25.25
C ARG A 361 -1.92 -11.75 -24.57
N TYR A 362 -1.68 -11.42 -23.31
CA TYR A 362 -2.62 -10.65 -22.51
C TYR A 362 -1.86 -9.57 -21.74
N GLY A 363 -2.63 -8.66 -21.13
CA GLY A 363 -2.07 -7.59 -20.34
C GLY A 363 -2.47 -7.69 -18.89
N LEU A 364 -3.31 -6.76 -18.42
CA LEU A 364 -3.81 -6.77 -17.06
C LEU A 364 -5.19 -7.40 -16.94
N SER A 365 -5.78 -7.83 -18.05
CA SER A 365 -7.16 -8.33 -18.00
C SER A 365 -7.35 -9.53 -17.08
N PRO A 366 -6.40 -10.45 -16.93
CA PRO A 366 -6.64 -11.60 -16.03
C PRO A 366 -7.04 -11.18 -14.62
N ASP A 367 -6.59 -10.01 -14.15
CA ASP A 367 -6.88 -9.61 -12.79
C ASP A 367 -8.32 -9.12 -12.62
N TYR A 368 -8.92 -8.59 -13.68
CA TYR A 368 -10.34 -8.21 -13.59
C TYR A 368 -11.25 -9.42 -13.75
N TRP A 369 -10.81 -10.44 -14.51
CA TRP A 369 -11.53 -11.70 -14.51
C TRP A 369 -11.52 -12.31 -13.11
N GLY A 370 -10.38 -12.26 -12.43
CA GLY A 370 -10.32 -12.79 -11.08
C GLY A 370 -11.28 -12.07 -10.15
N LEU A 371 -11.28 -10.74 -10.20
CA LEU A 371 -12.18 -9.97 -9.35
C LEU A 371 -13.63 -10.43 -9.54
N GLY A 372 -14.02 -10.70 -10.78
CA GLY A 372 -15.35 -11.26 -11.01
C GLY A 372 -15.55 -12.56 -10.25
N CYS A 373 -14.55 -13.44 -10.29
CA CYS A 373 -14.67 -14.71 -9.58
C CYS A 373 -14.80 -14.50 -8.08
N LEU A 374 -14.10 -13.49 -7.54
CA LEU A 374 -14.12 -13.28 -6.09
C LEU A 374 -15.46 -12.70 -5.64
N ILE A 375 -15.98 -11.70 -6.37
CA ILE A 375 -17.28 -11.12 -6.01
C ILE A 375 -18.37 -12.18 -6.08
N TYR A 376 -18.39 -12.95 -7.17
CA TYR A 376 -19.37 -14.02 -7.31
C TYR A 376 -19.25 -15.01 -6.16
N GLU A 377 -18.05 -15.52 -5.91
CA GLU A 377 -17.87 -16.56 -4.90
C GLU A 377 -18.27 -16.05 -3.52
N MET A 378 -17.96 -14.78 -3.23
CA MET A 378 -18.33 -14.23 -1.92
C MET A 378 -19.84 -14.21 -1.73
N ILE A 379 -20.59 -13.83 -2.77
CA ILE A 379 -22.04 -13.68 -2.63
C ILE A 379 -22.74 -15.04 -2.67
N GLU A 380 -22.30 -15.93 -3.56
CA GLU A 380 -23.04 -17.17 -3.78
C GLU A 380 -22.58 -18.32 -2.90
N GLY A 381 -21.31 -18.34 -2.50
CA GLY A 381 -20.79 -19.45 -1.72
C GLY A 381 -20.16 -20.56 -2.52
N GLN A 382 -19.87 -20.33 -3.81
CA GLN A 382 -19.22 -21.33 -4.64
C GLN A 382 -18.67 -20.65 -5.88
N SER A 383 -17.77 -21.34 -6.56
CA SER A 383 -17.18 -20.81 -7.78
C SER A 383 -18.25 -20.69 -8.86
N PRO A 384 -18.11 -19.71 -9.77
CA PRO A 384 -19.12 -19.57 -10.84
C PRO A 384 -19.12 -20.70 -11.85
N PHE A 385 -18.07 -21.52 -11.88
CA PHE A 385 -17.98 -22.62 -12.85
C PHE A 385 -17.80 -23.98 -12.19
N ARG A 386 -17.94 -24.06 -10.87
CA ARG A 386 -17.83 -25.33 -10.18
C ARG A 386 -18.68 -25.28 -8.93
N GLY A 387 -19.63 -26.21 -8.80
CA GLY A 387 -20.44 -26.27 -7.62
C GLY A 387 -19.66 -26.76 -6.42
N ARG A 388 -20.04 -26.24 -5.24
CA ARG A 388 -19.35 -26.64 -4.01
C ARG A 388 -19.56 -28.13 -3.72
N LYS A 389 -20.72 -28.67 -4.13
CA LYS A 389 -21.06 -30.08 -3.90
C LYS A 389 -20.96 -30.86 -5.20
N GLU A 390 -19.99 -30.53 -6.05
CA GLU A 390 -19.87 -31.10 -7.38
C GLU A 390 -18.46 -31.63 -7.60
N LYS A 391 -18.38 -32.84 -8.16
CA LYS A 391 -17.10 -33.47 -8.51
C LYS A 391 -16.94 -33.40 -10.02
N VAL A 392 -16.00 -32.60 -10.49
CA VAL A 392 -15.76 -32.39 -11.92
C VAL A 392 -14.26 -32.39 -12.17
N LYS A 393 -13.87 -32.99 -13.31
CA LYS A 393 -12.47 -33.05 -13.67
C LYS A 393 -11.96 -31.67 -14.10
N ARG A 394 -10.64 -31.51 -14.08
CA ARG A 394 -10.04 -30.24 -14.48
C ARG A 394 -10.15 -29.98 -15.97
N GLU A 395 -10.72 -30.91 -16.73
CA GLU A 395 -10.93 -30.69 -18.15
C GLU A 395 -12.29 -30.08 -18.44
N GLU A 396 -13.28 -30.37 -17.58
CA GLU A 396 -14.63 -29.86 -17.79
C GLU A 396 -14.78 -28.45 -17.24
N VAL A 397 -14.21 -28.18 -16.06
CA VAL A 397 -14.29 -26.84 -15.50
C VAL A 397 -13.67 -25.84 -16.46
N ASP A 398 -12.62 -26.23 -17.18
CA ASP A 398 -12.01 -25.32 -18.14
C ASP A 398 -12.93 -25.09 -19.34
N ARG A 399 -13.54 -26.16 -19.86
CA ARG A 399 -14.51 -26.00 -20.94
C ARG A 399 -15.60 -25.00 -20.53
N ARG A 400 -16.05 -25.07 -19.28
CA ARG A 400 -17.08 -24.14 -18.82
C ARG A 400 -16.57 -22.71 -18.83
N VAL A 401 -15.32 -22.49 -18.37
CA VAL A 401 -14.76 -21.15 -18.37
C VAL A 401 -14.69 -20.59 -19.78
N LEU A 402 -14.57 -21.46 -20.78
CA LEU A 402 -14.44 -21.01 -22.16
C LEU A 402 -15.76 -20.94 -22.91
N GLU A 403 -16.74 -21.76 -22.54
CA GLU A 403 -17.97 -21.89 -23.30
C GLU A 403 -19.22 -21.47 -22.55
N THR A 404 -19.45 -21.99 -21.34
CA THR A 404 -20.74 -21.81 -20.69
C THR A 404 -20.84 -20.45 -20.03
N GLU A 405 -22.09 -20.02 -19.80
CA GLU A 405 -22.40 -18.77 -19.12
C GLU A 405 -22.80 -19.06 -17.68
N GLU A 406 -22.21 -18.34 -16.74
CA GLU A 406 -22.55 -18.51 -15.34
C GLU A 406 -23.98 -18.05 -15.08
N VAL A 407 -24.53 -18.50 -13.96
CA VAL A 407 -25.91 -18.20 -13.58
C VAL A 407 -25.90 -17.54 -12.21
N TYR A 408 -26.91 -16.71 -11.96
CA TYR A 408 -27.04 -15.96 -10.73
C TYR A 408 -28.33 -16.32 -10.03
N SER A 409 -28.41 -15.97 -8.74
CA SER A 409 -29.57 -16.27 -7.91
C SER A 409 -30.11 -14.98 -7.29
N HIS A 410 -31.07 -15.14 -6.37
CA HIS A 410 -31.65 -13.99 -5.68
C HIS A 410 -30.70 -13.38 -4.66
N LYS A 411 -29.56 -14.01 -4.39
CA LYS A 411 -28.56 -13.39 -3.53
C LYS A 411 -27.94 -12.16 -4.17
N PHE A 412 -28.01 -12.05 -5.49
CA PHE A 412 -27.43 -10.93 -6.22
C PHE A 412 -28.50 -9.89 -6.51
N SER A 413 -28.19 -8.63 -6.23
CA SER A 413 -28.99 -7.54 -6.77
C SER A 413 -28.67 -7.37 -8.25
N GLU A 414 -29.55 -6.64 -8.95
CA GLU A 414 -29.30 -6.36 -10.36
C GLU A 414 -27.93 -5.72 -10.55
N GLU A 415 -27.55 -4.83 -9.65
CA GLU A 415 -26.21 -4.23 -9.71
C GLU A 415 -25.14 -5.30 -9.60
N ALA A 416 -25.27 -6.21 -8.63
CA ALA A 416 -24.25 -7.24 -8.43
C ALA A 416 -24.16 -8.16 -9.64
N LYS A 417 -25.30 -8.59 -10.18
CA LYS A 417 -25.28 -9.39 -11.40
C LYS A 417 -24.52 -8.67 -12.51
N SER A 418 -24.79 -7.38 -12.69
CA SER A 418 -24.19 -6.63 -13.78
C SER A 418 -22.67 -6.66 -13.69
N ILE A 419 -22.11 -6.20 -12.57
CA ILE A 419 -20.66 -6.07 -12.46
C ILE A 419 -19.98 -7.42 -12.63
N CYS A 420 -20.62 -8.50 -12.14
CA CYS A 420 -20.01 -9.81 -12.27
C CYS A 420 -20.00 -10.27 -13.72
N LYS A 421 -21.10 -10.06 -14.44
CA LYS A 421 -21.15 -10.44 -15.86
C LYS A 421 -20.18 -9.63 -16.69
N MET A 422 -20.04 -8.34 -16.39
CA MET A 422 -19.13 -7.49 -17.14
C MET A 422 -17.67 -7.85 -16.84
N LEU A 423 -17.37 -8.19 -15.58
CA LEU A 423 -16.02 -8.63 -15.26
C LEU A 423 -15.74 -10.02 -15.80
N LEU A 424 -16.76 -10.88 -15.87
CA LEU A 424 -16.61 -12.23 -16.39
C LEU A 424 -16.86 -12.31 -17.90
N THR A 425 -16.66 -11.21 -18.62
CA THR A 425 -16.81 -11.21 -20.07
C THR A 425 -15.70 -12.05 -20.68
N LYS A 426 -16.08 -13.05 -21.48
CA LYS A 426 -15.09 -13.96 -22.06
C LYS A 426 -14.08 -13.20 -22.89
N ASP A 427 -14.53 -12.27 -23.73
CA ASP A 427 -13.65 -11.50 -24.60
C ASP A 427 -12.97 -10.41 -23.78
N ALA A 428 -11.67 -10.58 -23.55
CA ALA A 428 -10.92 -9.64 -22.70
C ALA A 428 -10.96 -8.21 -23.23
N LYS A 429 -11.39 -7.99 -24.47
CA LYS A 429 -11.40 -6.65 -25.03
C LYS A 429 -12.64 -5.87 -24.63
N GLN A 430 -13.76 -6.56 -24.40
CA GLN A 430 -14.98 -5.92 -23.90
C GLN A 430 -15.14 -6.10 -22.39
N ARG A 431 -14.10 -6.51 -21.69
CA ARG A 431 -14.21 -6.79 -20.27
C ARG A 431 -14.10 -5.51 -19.46
N LEU A 432 -14.92 -5.41 -18.41
CA LEU A 432 -14.95 -4.22 -17.58
C LEU A 432 -13.58 -3.96 -16.96
N GLY A 433 -13.16 -2.71 -17.00
CA GLY A 433 -11.87 -2.30 -16.47
C GLY A 433 -10.70 -2.50 -17.40
N CYS A 434 -10.85 -3.27 -18.48
CA CYS A 434 -9.77 -3.55 -19.39
C CYS A 434 -9.71 -2.57 -20.55
N GLN A 435 -10.13 -1.33 -20.34
CA GLN A 435 -10.08 -0.28 -21.34
C GLN A 435 -9.00 0.73 -20.93
N GLU A 436 -8.96 1.86 -21.64
CA GLU A 436 -8.00 2.91 -21.30
C GLU A 436 -8.33 3.57 -19.96
N GLU A 437 -9.54 3.35 -19.44
CA GLU A 437 -9.94 4.00 -18.20
C GLU A 437 -9.29 3.33 -16.99
N GLY A 438 -9.09 2.02 -17.04
CA GLY A 438 -8.46 1.31 -15.95
C GLY A 438 -9.44 1.03 -14.83
N ALA A 439 -8.90 1.01 -13.60
CA ALA A 439 -9.72 0.73 -12.43
C ALA A 439 -10.80 1.78 -12.21
N ALA A 440 -10.65 2.97 -12.79
CA ALA A 440 -11.66 4.00 -12.61
C ALA A 440 -13.01 3.55 -13.16
N GLU A 441 -13.02 2.92 -14.33
CA GLU A 441 -14.26 2.42 -14.90
C GLU A 441 -14.97 1.42 -13.99
N VAL A 442 -14.21 0.76 -13.10
CA VAL A 442 -14.81 -0.23 -12.20
C VAL A 442 -15.39 0.45 -10.96
N LYS A 443 -14.67 1.42 -10.39
CA LYS A 443 -15.20 2.15 -9.24
C LYS A 443 -16.48 2.91 -9.58
N ARG A 444 -16.74 3.14 -10.86
CA ARG A 444 -17.91 3.88 -11.31
C ARG A 444 -19.13 2.99 -11.52
N HIS A 445 -18.98 1.67 -11.44
CA HIS A 445 -20.09 0.77 -11.72
C HIS A 445 -21.18 0.96 -10.67
N PRO A 446 -22.46 0.86 -11.05
CA PRO A 446 -23.54 1.01 -10.05
C PRO A 446 -23.43 0.09 -8.85
N PHE A 447 -22.60 -0.96 -8.95
CA PHE A 447 -22.43 -1.87 -7.81
C PHE A 447 -21.82 -1.14 -6.62
N PHE A 448 -20.87 -0.24 -6.88
CA PHE A 448 -20.24 0.57 -5.84
C PHE A 448 -20.94 1.91 -5.65
N ARG A 449 -22.23 1.99 -5.96
CA ARG A 449 -22.94 3.27 -5.89
C ARG A 449 -22.90 3.85 -4.48
N ASN A 450 -23.06 3.01 -3.47
CA ASN A 450 -23.08 3.46 -2.09
C ASN A 450 -21.70 3.48 -1.44
N MET A 451 -20.65 3.19 -2.19
CA MET A 451 -19.29 3.15 -1.66
C MET A 451 -18.61 4.49 -1.90
N ASN A 452 -17.95 5.00 -0.86
CA ASN A 452 -17.16 6.24 -0.93
C ASN A 452 -15.70 5.83 -0.84
N PHE A 453 -15.03 5.78 -1.99
CA PHE A 453 -13.65 5.30 -2.02
C PHE A 453 -12.71 6.24 -1.28
N LYS A 454 -12.92 7.55 -1.39
CA LYS A 454 -12.10 8.50 -0.65
C LYS A 454 -12.01 8.11 0.82
N ARG A 455 -13.16 7.79 1.43
CA ARG A 455 -13.17 7.40 2.83
C ARG A 455 -12.58 6.00 3.02
N LEU A 456 -12.77 5.10 2.05
CA LEU A 456 -12.22 3.75 2.18
C LEU A 456 -10.69 3.79 2.12
N GLU A 457 -10.13 4.54 1.18
CA GLU A 457 -8.68 4.62 1.07
C GLU A 457 -8.07 5.37 2.26
N ALA A 458 -8.84 6.26 2.89
CA ALA A 458 -8.41 6.90 4.13
C ALA A 458 -8.53 5.98 5.33
N GLY A 459 -9.20 4.83 5.18
CA GLY A 459 -9.29 3.85 6.24
C GLY A 459 -10.17 4.25 7.40
N MET A 460 -11.34 4.82 7.13
CA MET A 460 -12.28 5.17 8.18
C MET A 460 -13.68 4.67 7.87
N LEU A 461 -13.79 3.61 7.07
CA LEU A 461 -15.01 2.81 6.97
C LEU A 461 -14.79 1.54 7.79
N ASP A 462 -15.62 1.34 8.79
CA ASP A 462 -15.42 0.21 9.70
C ASP A 462 -15.55 -1.11 8.95
N PRO A 463 -14.58 -2.02 9.05
CA PRO A 463 -14.72 -3.33 8.41
C PRO A 463 -15.93 -4.07 8.94
N PRO A 464 -16.43 -5.06 8.21
CA PRO A 464 -17.63 -5.78 8.66
C PRO A 464 -17.33 -6.92 9.63
N PHE A 465 -16.08 -7.36 9.68
CA PHE A 465 -15.68 -8.41 10.61
C PHE A 465 -14.34 -8.04 11.24
N VAL A 466 -14.27 -8.13 12.57
CA VAL A 466 -13.05 -7.80 13.29
C VAL A 466 -12.54 -9.06 13.99
N PRO A 467 -11.37 -9.58 13.62
CA PRO A 467 -10.87 -10.79 14.28
C PRO A 467 -10.55 -10.54 15.75
N ASP A 468 -10.88 -11.52 16.59
CA ASP A 468 -10.51 -11.46 18.00
C ASP A 468 -9.00 -11.64 18.12
N PRO A 469 -8.31 -10.80 18.90
CA PRO A 469 -6.84 -10.91 18.94
C PRO A 469 -6.34 -12.28 19.36
N ARG A 470 -7.10 -13.02 20.16
CA ARG A 470 -6.68 -14.31 20.67
C ARG A 470 -6.98 -15.46 19.72
N ALA A 471 -7.46 -15.16 18.51
CA ALA A 471 -7.91 -16.20 17.61
C ALA A 471 -6.75 -16.78 16.82
N VAL A 472 -6.96 -17.98 16.28
CA VAL A 472 -5.97 -18.68 15.48
C VAL A 472 -6.69 -19.31 14.28
N TYR A 473 -6.69 -18.60 13.15
CA TYR A 473 -7.45 -19.02 11.97
C TYR A 473 -6.57 -19.91 11.09
N CYS A 474 -6.42 -21.16 11.52
CA CYS A 474 -5.72 -22.16 10.73
C CYS A 474 -6.02 -23.57 11.25
N ASN A 490 28.29 -26.23 -2.92
CA ASN A 490 27.34 -25.41 -2.18
C ASN A 490 27.67 -23.93 -2.28
N LEU A 491 28.67 -23.59 -3.10
CA LEU A 491 29.05 -22.21 -3.31
C LEU A 491 29.69 -22.07 -4.68
N ASP A 492 29.54 -20.89 -5.28
CA ASP A 492 30.14 -20.57 -6.57
C ASP A 492 30.44 -19.08 -6.57
N HIS A 493 30.51 -18.50 -7.77
CA HIS A 493 30.65 -17.06 -7.93
C HIS A 493 29.49 -16.42 -8.66
N THR A 494 28.84 -17.15 -9.58
CA THR A 494 27.64 -16.62 -10.21
C THR A 494 26.53 -16.33 -9.22
N ASP A 495 26.53 -17.02 -8.07
CA ASP A 495 25.52 -16.75 -7.05
C ASP A 495 25.85 -15.49 -6.25
N ASP A 496 27.14 -15.17 -6.11
CA ASP A 496 27.53 -14.00 -5.34
C ASP A 496 26.91 -12.73 -5.93
N ASP A 497 26.87 -12.64 -7.27
CA ASP A 497 26.31 -11.45 -7.90
C ASP A 497 24.79 -11.40 -7.77
N PHE A 498 24.14 -12.57 -7.80
CA PHE A 498 22.69 -12.60 -7.64
C PHE A 498 22.27 -12.24 -6.22
N TYR A 499 23.07 -12.62 -5.22
CA TYR A 499 22.71 -12.32 -3.84
C TYR A 499 22.82 -10.82 -3.56
N SER A 500 23.83 -10.16 -4.13
CA SER A 500 24.00 -8.73 -3.90
C SER A 500 22.81 -7.94 -4.44
N LYS A 501 22.26 -8.36 -5.58
CA LYS A 501 21.10 -7.70 -6.15
C LYS A 501 19.84 -7.93 -5.33
N PHE A 502 19.80 -8.99 -4.51
CA PHE A 502 18.60 -9.31 -3.75
C PHE A 502 18.62 -8.69 -2.36
N SER A 503 19.74 -8.83 -1.64
CA SER A 503 19.83 -8.35 -0.26
C SER A 503 20.15 -6.86 -0.24
N THR A 504 19.14 -6.08 -0.64
CA THR A 504 19.27 -4.63 -0.69
C THR A 504 19.13 -3.96 0.67
N GLY A 505 18.62 -4.68 1.67
CA GLY A 505 18.47 -4.11 2.99
C GLY A 505 17.07 -3.59 3.26
N SER A 506 16.95 -2.54 4.05
CA SER A 506 15.65 -2.00 4.41
C SER A 506 15.02 -1.23 3.25
N VAL A 507 13.69 -1.20 3.23
CA VAL A 507 12.94 -0.41 2.27
C VAL A 507 12.61 0.93 2.90
N SER A 508 12.74 2.00 2.11
CA SER A 508 12.76 3.35 2.68
C SER A 508 11.45 3.67 3.40
N ILE A 509 10.34 3.67 2.68
CA ILE A 509 9.07 4.14 3.22
C ILE A 509 8.59 3.21 4.33
N PRO A 510 8.62 1.88 4.14
CA PRO A 510 8.21 0.99 5.23
C PRO A 510 9.06 1.16 6.48
N TRP A 511 10.37 1.39 6.32
CA TRP A 511 11.24 1.57 7.47
C TRP A 511 10.87 2.84 8.24
N GLN A 512 10.69 3.95 7.53
CA GLN A 512 10.35 5.20 8.19
C GLN A 512 9.01 5.09 8.91
N ASN A 513 8.03 4.43 8.27
CA ASN A 513 6.76 4.20 8.94
C ASN A 513 6.96 3.41 10.24
N GLU A 514 7.84 2.41 10.22
CA GLU A 514 8.10 1.64 11.42
C GLU A 514 8.61 2.53 12.55
N MET A 515 9.60 3.39 12.25
CA MET A 515 10.13 4.28 13.27
C MET A 515 9.01 5.12 13.90
N ILE A 516 8.03 5.53 13.10
CA ILE A 516 6.96 6.39 13.59
C ILE A 516 5.96 5.60 14.42
N GLU A 517 5.54 4.44 13.92
CA GLU A 517 4.50 3.66 14.60
C GLU A 517 4.97 3.23 15.99
N THR A 518 6.21 2.80 16.11
CA THR A 518 6.73 2.36 17.41
C THR A 518 7.10 3.52 18.31
N GLU A 519 6.83 4.76 17.91
CA GLU A 519 7.15 5.95 18.70
C GLU A 519 8.64 6.10 18.95
N CYS A 520 9.47 5.44 18.13
CA CYS A 520 10.91 5.68 18.20
C CYS A 520 11.25 7.05 17.66
N PHE A 521 10.53 7.51 16.64
CA PHE A 521 10.72 8.87 16.13
C PHE A 521 10.35 9.89 17.20
N LYS A 522 9.22 9.68 17.87
CA LYS A 522 8.78 10.64 18.88
C LYS A 522 9.79 10.76 20.00
N GLU A 523 10.43 9.64 20.38
CA GLU A 523 11.32 9.66 21.52
C GLU A 523 12.72 10.15 21.14
N LEU A 524 13.25 9.71 20.00
CA LEU A 524 14.61 10.08 19.62
C LEU A 524 14.68 11.45 18.96
N ASN A 525 13.64 11.84 18.22
CA ASN A 525 13.65 13.12 17.51
C ASN A 525 13.55 14.27 18.50
N VAL A 526 14.64 14.53 19.23
CA VAL A 526 14.66 15.53 20.29
C VAL A 526 15.71 16.57 19.95
N PHE A 527 15.29 17.83 19.82
CA PHE A 527 16.19 18.94 19.57
C PHE A 527 16.55 19.60 20.90
N GLY A 528 17.17 20.78 20.83
CA GLY A 528 17.66 21.45 22.00
C GLY A 528 16.61 22.30 22.68
N PRO A 529 16.88 22.73 23.92
CA PRO A 529 15.92 23.57 24.64
C PRO A 529 15.80 24.94 23.98
N ASN A 530 14.56 25.33 23.68
CA ASN A 530 14.27 26.63 23.07
C ASN A 530 14.91 26.75 21.69
N GLY A 531 14.66 25.75 20.85
CA GLY A 531 15.12 25.78 19.47
C GLY A 531 16.61 26.00 19.31
N THR A 532 17.42 25.31 20.11
CA THR A 532 18.86 25.38 20.03
C THR A 532 19.41 24.06 19.48
N LEU A 533 20.62 24.13 18.93
CA LEU A 533 21.21 23.00 18.25
C LEU A 533 21.66 21.95 19.25
N PRO A 534 21.20 20.70 19.15
CA PRO A 534 21.68 19.66 20.06
C PRO A 534 23.14 19.34 19.80
N PRO A 535 23.77 18.51 20.63
CA PRO A 535 25.18 18.20 20.41
C PRO A 535 25.44 17.49 19.09
N ASP A 536 24.61 16.50 18.76
CA ASP A 536 24.81 15.72 17.54
C ASP A 536 24.67 16.57 16.28
N LEU A 537 24.06 17.75 16.37
CA LEU A 537 23.87 18.62 15.22
C LEU A 537 24.76 19.85 15.26
N ASN A 538 25.74 19.89 16.16
CA ASN A 538 26.67 21.00 16.29
C ASN A 538 28.03 20.55 15.78
N ARG A 539 28.50 21.19 14.71
CA ARG A 539 29.73 20.79 14.03
C ARG A 539 30.99 21.29 14.75
N ASN A 540 30.85 21.90 15.92
CA ASN A 540 32.01 22.40 16.64
C ASN A 540 32.66 21.33 17.52
N HIS A 541 31.86 20.65 18.34
CA HIS A 541 32.38 19.64 19.27
C HIS A 541 31.67 18.32 19.02
N PRO A 542 32.35 17.31 18.42
CA PRO A 542 31.69 16.02 18.19
C PRO A 542 31.64 15.15 19.44
#